data_3DZQ
#
_entry.id   3DZQ
#
_cell.length_a   53.400
_cell.length_b   38.093
_cell.length_c   75.983
_cell.angle_alpha   90.00
_cell.angle_beta   101.75
_cell.angle_gamma   90.00
#
_symmetry.space_group_name_H-M   'P 1 21 1'
#
loop_
_entity.id
_entity.type
_entity.pdbx_description
1 polymer 'EPH receptor A3'
2 non-polymer N-[2-methyl-5-({[3-(4-methyl-1H-imidazol-1-yl)-5-(trifluoromethyl)phenyl]carbonyl}amino)phenyl]isoxazole-5-carboxamide
3 water water
#
_entity_poly.entity_id   1
_entity_poly.type   'polypeptide(L)'
_entity_poly.pdbx_seq_one_letter_code
;MGSSHHHHHHSSGLVPRGSTQTVHEFAKELDATNISIDKVVGAGEFGEVCSGRLKLPSKKEISVAIKTLKVGYTEKQRRD
FLGEASIMGQFDHPNIIRLEGVVTKSKPVMIVTEYMENGSLDSFLRKHDAQFTVIQLVGMLRGIASGMKYLSDMGYVHRD
LAARNILINSNLVCKVSDFGLSRVLEDDPEAAYTTRGGKIPIRWTSPEAIAYRKFTSASDVWSYGIVLWEVMSYGERPYW
EMSNQDVIKAVDEGYRLPPPMDCPAALYQLMLDCWQKDRNNRPKFEQIVSILDKLIRNPGSLKIITSAAARPSNLLLDQS
NVDITTFRTTGDWLNGVWTAHCKEIFTGVEYSSCDTIAKIS
;
_entity_poly.pdbx_strand_id   A
#
# COMPACT_ATOMS: atom_id res chain seq x y z
N VAL A 23 -16.50 -11.40 -12.50
CA VAL A 23 -15.87 -10.04 -12.46
C VAL A 23 -16.91 -8.92 -12.46
N HIS A 24 -18.00 -9.11 -13.20
CA HIS A 24 -18.99 -8.04 -13.30
C HIS A 24 -19.84 -7.86 -12.04
N GLU A 25 -19.79 -8.82 -11.14
CA GLU A 25 -20.40 -8.67 -9.83
C GLU A 25 -19.86 -7.42 -9.13
N PHE A 26 -18.55 -7.18 -9.27
CA PHE A 26 -17.85 -6.15 -8.50
C PHE A 26 -17.11 -5.11 -9.40
N ALA A 27 -17.16 -5.27 -10.73
CA ALA A 27 -16.45 -4.35 -11.65
C ALA A 27 -17.34 -3.91 -12.81
N LYS A 28 -17.44 -2.60 -13.06
N LYS A 28 -17.43 -2.59 -13.04
CA LYS A 28 -18.22 -2.09 -14.19
CA LYS A 28 -18.18 -2.05 -14.20
C LYS A 28 -17.49 -2.33 -15.51
C LYS A 28 -17.46 -2.40 -15.50
N GLU A 29 -18.22 -2.79 -16.53
CA GLU A 29 -17.67 -2.91 -17.88
C GLU A 29 -17.66 -1.52 -18.49
N LEU A 30 -16.46 -1.02 -18.79
CA LEU A 30 -16.29 0.28 -19.42
C LEU A 30 -16.30 0.14 -20.95
N ASP A 31 -16.85 1.13 -21.63
CA ASP A 31 -16.81 1.19 -23.10
C ASP A 31 -15.44 1.77 -23.54
N ALA A 32 -14.66 1.05 -24.36
CA ALA A 32 -13.32 1.55 -24.77
C ALA A 32 -13.34 2.94 -25.43
N THR A 33 -14.48 3.32 -26.01
CA THR A 33 -14.58 4.63 -26.66
C THR A 33 -14.51 5.78 -25.64
N ASN A 34 -14.72 5.45 -24.37
CA ASN A 34 -14.65 6.44 -23.29
C ASN A 34 -13.27 6.53 -22.65
N ILE A 35 -12.34 5.72 -23.13
CA ILE A 35 -10.99 5.70 -22.56
C ILE A 35 -9.98 6.27 -23.57
N SER A 36 -9.21 7.26 -23.15
CA SER A 36 -8.11 7.74 -23.95
C SER A 36 -6.80 7.45 -23.21
N ILE A 37 -5.77 7.11 -23.96
CA ILE A 37 -4.50 6.72 -23.37
C ILE A 37 -3.49 7.83 -23.68
N ASP A 38 -2.78 8.28 -22.65
CA ASP A 38 -1.78 9.34 -22.74
C ASP A 38 -0.37 8.74 -22.89
N LYS A 39 0.13 8.12 -21.82
CA LYS A 39 1.54 7.75 -21.76
C LYS A 39 1.76 6.58 -20.84
N VAL A 40 2.90 5.91 -21.03
CA VAL A 40 3.33 4.82 -20.17
C VAL A 40 3.79 5.43 -18.86
N VAL A 41 3.39 4.85 -17.74
CA VAL A 41 3.88 5.35 -16.44
C VAL A 41 4.58 4.31 -15.57
N GLY A 42 5.46 4.81 -14.69
CA GLY A 42 6.14 4.00 -13.68
C GLY A 42 7.31 3.13 -14.12
N ALA A 43 7.61 3.14 -15.42
CA ALA A 43 8.72 2.33 -15.99
C ALA A 43 8.68 0.84 -15.61
N GLY A 44 7.45 0.31 -15.53
CA GLY A 44 7.22 -1.09 -15.26
C GLY A 44 6.91 -1.43 -13.81
N GLU A 45 7.10 -0.47 -12.90
CA GLU A 45 6.97 -0.79 -11.45
C GLU A 45 5.55 -1.19 -11.07
N PHE A 46 4.55 -0.67 -11.79
CA PHE A 46 3.14 -0.99 -11.54
C PHE A 46 2.63 -2.14 -12.43
N GLY A 47 3.49 -2.63 -13.31
CA GLY A 47 3.05 -3.53 -14.37
C GLY A 47 2.94 -2.78 -15.69
N GLU A 48 2.13 -3.31 -16.61
CA GLU A 48 1.93 -2.73 -17.93
C GLU A 48 0.88 -1.65 -17.75
N VAL A 49 1.29 -0.46 -17.30
CA VAL A 49 0.35 0.62 -16.91
C VAL A 49 0.58 1.93 -17.68
N CYS A 50 -0.51 2.55 -18.11
CA CYS A 50 -0.54 3.84 -18.78
C CYS A 50 -1.38 4.82 -17.97
N SER A 51 -1.18 6.10 -18.18
CA SER A 51 -2.16 7.06 -17.68
C SER A 51 -3.06 7.49 -18.84
N GLY A 52 -4.20 8.07 -18.49
CA GLY A 52 -5.16 8.43 -19.52
C GLY A 52 -6.35 9.12 -18.91
N ARG A 53 -7.44 9.16 -19.67
N ARG A 53 -7.47 9.09 -19.63
CA ARG A 53 -8.66 9.80 -19.24
CA ARG A 53 -8.65 9.81 -19.21
C ARG A 53 -9.80 8.81 -19.38
C ARG A 53 -9.88 8.97 -19.50
N LEU A 54 -10.82 8.99 -18.56
CA LEU A 54 -12.07 8.20 -18.70
C LEU A 54 -13.23 9.20 -18.68
N LYS A 55 -14.12 9.07 -19.65
CA LYS A 55 -15.31 9.89 -19.71
C LYS A 55 -16.41 9.06 -19.04
N LEU A 56 -16.93 9.59 -17.93
CA LEU A 56 -17.94 8.90 -17.13
C LEU A 56 -19.32 9.05 -17.80
N PRO A 57 -20.32 8.27 -17.35
CA PRO A 57 -21.64 8.38 -17.97
C PRO A 57 -22.26 9.77 -17.86
N SER A 58 -21.92 10.48 -16.79
CA SER A 58 -22.37 11.87 -16.61
C SER A 58 -21.65 12.88 -17.53
N LYS A 59 -20.72 12.38 -18.35
CA LYS A 59 -19.85 13.16 -19.25
C LYS A 59 -18.64 13.78 -18.56
N LYS A 60 -18.57 13.72 -17.22
CA LYS A 60 -17.39 14.20 -16.51
C LYS A 60 -16.17 13.39 -16.94
N GLU A 61 -15.02 14.05 -17.14
CA GLU A 61 -13.80 13.34 -17.55
C GLU A 61 -12.82 13.37 -16.38
N ILE A 62 -12.25 12.20 -16.08
CA ILE A 62 -11.30 12.12 -14.96
C ILE A 62 -10.02 11.46 -15.42
N SER A 63 -8.92 11.73 -14.71
CA SER A 63 -7.66 11.05 -14.98
C SER A 63 -7.70 9.67 -14.39
N VAL A 64 -7.13 8.71 -15.11
CA VAL A 64 -7.13 7.31 -14.71
C VAL A 64 -5.76 6.66 -15.03
N ALA A 65 -5.47 5.59 -14.31
CA ALA A 65 -4.37 4.67 -14.62
C ALA A 65 -5.00 3.46 -15.29
N ILE A 66 -4.30 2.92 -16.28
CA ILE A 66 -4.85 1.81 -17.08
C ILE A 66 -3.84 0.67 -17.12
N LYS A 67 -4.18 -0.53 -16.63
CA LYS A 67 -3.28 -1.68 -16.70
C LYS A 67 -3.83 -2.55 -17.81
N THR A 68 -2.95 -2.97 -18.71
CA THR A 68 -3.39 -3.86 -19.78
C THR A 68 -2.84 -5.27 -19.56
N LEU A 69 -3.62 -6.24 -20.00
CA LEU A 69 -3.20 -7.63 -19.98
C LEU A 69 -2.39 -7.90 -21.23
N LYS A 70 -1.24 -8.57 -21.09
CA LYS A 70 -0.35 -8.72 -22.21
C LYS A 70 -1.01 -9.40 -23.42
N VAL A 71 -0.60 -8.97 -24.61
CA VAL A 71 -1.01 -9.65 -25.83
C VAL A 71 -0.54 -11.10 -25.75
N GLY A 72 -1.41 -12.04 -26.16
CA GLY A 72 -1.04 -13.45 -26.23
C GLY A 72 -1.15 -14.09 -24.85
N TYR A 73 -1.97 -13.48 -23.98
CA TYR A 73 -2.19 -14.03 -22.62
C TYR A 73 -2.78 -15.43 -22.69
N THR A 74 -2.52 -16.25 -21.67
CA THR A 74 -3.18 -17.55 -21.49
C THR A 74 -4.49 -17.35 -20.72
N GLU A 75 -5.34 -18.37 -20.73
CA GLU A 75 -6.62 -18.31 -20.01
C GLU A 75 -6.47 -18.10 -18.50
N LYS A 76 -5.52 -18.81 -17.89
CA LYS A 76 -5.15 -18.56 -16.50
C LYS A 76 -4.69 -17.12 -16.27
N GLN A 77 -3.88 -16.57 -17.17
CA GLN A 77 -3.49 -15.16 -17.03
C GLN A 77 -4.68 -14.20 -17.04
N ARG A 78 -5.66 -14.47 -17.90
CA ARG A 78 -6.89 -13.65 -17.96
C ARG A 78 -7.73 -13.79 -16.69
N ARG A 79 -7.95 -15.04 -16.27
CA ARG A 79 -8.64 -15.33 -15.03
C ARG A 79 -7.99 -14.63 -13.82
N ASP A 80 -6.66 -14.66 -13.76
CA ASP A 80 -5.94 -14.02 -12.66
C ASP A 80 -6.06 -12.49 -12.70
N PHE A 81 -5.92 -11.93 -13.89
CA PHE A 81 -6.13 -10.49 -14.13
C PHE A 81 -7.54 -10.07 -13.74
N LEU A 82 -8.57 -10.78 -14.19
CA LEU A 82 -9.94 -10.41 -13.87
C LEU A 82 -10.28 -10.67 -12.38
N GLY A 83 -9.64 -11.67 -11.78
CA GLY A 83 -9.81 -11.92 -10.35
C GLY A 83 -9.27 -10.78 -9.51
N GLU A 84 -8.18 -10.19 -9.96
CA GLU A 84 -7.63 -9.03 -9.29
C GLU A 84 -8.66 -7.89 -9.26
N ALA A 85 -9.27 -7.60 -10.41
CA ALA A 85 -10.31 -6.56 -10.53
C ALA A 85 -11.50 -6.88 -9.62
N SER A 86 -11.83 -8.16 -9.55
CA SER A 86 -12.95 -8.59 -8.73
C SER A 86 -12.70 -8.26 -7.27
N ILE A 87 -11.45 -8.46 -6.80
CA ILE A 87 -11.09 -8.15 -5.41
C ILE A 87 -11.18 -6.64 -5.18
N MET A 88 -10.54 -5.87 -6.06
CA MET A 88 -10.46 -4.41 -5.90
C MET A 88 -11.82 -3.78 -5.88
N GLY A 89 -12.72 -4.34 -6.70
CA GLY A 89 -14.05 -3.76 -6.88
C GLY A 89 -14.87 -3.88 -5.61
N GLN A 90 -14.42 -4.72 -4.67
CA GLN A 90 -15.17 -4.89 -3.41
C GLN A 90 -14.97 -3.72 -2.44
N PHE A 91 -13.95 -2.88 -2.67
CA PHE A 91 -13.51 -1.90 -1.66
C PHE A 91 -13.67 -0.48 -2.14
N ASP A 92 -14.68 0.20 -1.62
CA ASP A 92 -14.95 1.58 -1.99
C ASP A 92 -14.61 2.43 -0.77
N HIS A 93 -13.42 2.99 -0.76
CA HIS A 93 -12.93 3.72 0.42
C HIS A 93 -11.92 4.78 -0.01
N PRO A 94 -11.92 5.93 0.67
CA PRO A 94 -11.00 7.01 0.25
C PRO A 94 -9.54 6.67 0.30
N ASN A 95 -9.17 5.63 1.06
CA ASN A 95 -7.75 5.28 1.14
C ASN A 95 -7.45 3.91 0.57
N ILE A 96 -8.33 3.42 -0.31
CA ILE A 96 -8.02 2.20 -1.05
C ILE A 96 -8.16 2.56 -2.53
N ILE A 97 -7.24 2.08 -3.36
CA ILE A 97 -7.29 2.47 -4.79
C ILE A 97 -8.66 2.16 -5.36
N ARG A 98 -9.23 3.15 -6.04
CA ARG A 98 -10.58 3.01 -6.60
C ARG A 98 -10.58 2.35 -7.98
N LEU A 99 -11.27 1.23 -8.11
CA LEU A 99 -11.52 0.65 -9.42
C LEU A 99 -12.62 1.45 -10.14
N GLU A 100 -12.25 2.02 -11.28
CA GLU A 100 -13.23 2.66 -12.17
C GLU A 100 -13.96 1.62 -13.01
N GLY A 101 -13.25 0.56 -13.41
CA GLY A 101 -13.93 -0.48 -14.16
C GLY A 101 -12.94 -1.34 -14.94
N VAL A 102 -13.50 -2.21 -15.75
CA VAL A 102 -12.68 -3.11 -16.60
C VAL A 102 -13.13 -3.02 -18.05
N VAL A 103 -12.23 -3.42 -18.95
CA VAL A 103 -12.64 -3.63 -20.35
C VAL A 103 -12.33 -5.08 -20.65
N THR A 104 -13.36 -5.85 -20.98
CA THR A 104 -13.20 -7.27 -21.26
C THR A 104 -13.82 -7.65 -22.61
N LYS A 105 -14.75 -6.83 -23.08
CA LYS A 105 -15.46 -7.12 -24.34
C LYS A 105 -14.66 -6.69 -25.59
N SER A 106 -13.56 -5.98 -25.36
CA SER A 106 -12.61 -5.69 -26.44
C SER A 106 -11.20 -5.87 -25.88
N LYS A 107 -10.21 -5.86 -26.75
CA LYS A 107 -8.84 -6.15 -26.36
C LYS A 107 -7.96 -5.00 -26.84
N PRO A 108 -6.87 -4.69 -26.11
CA PRO A 108 -6.40 -5.30 -24.86
C PRO A 108 -7.43 -5.23 -23.73
N VAL A 109 -7.47 -6.27 -22.91
CA VAL A 109 -8.29 -6.29 -21.69
C VAL A 109 -7.65 -5.33 -20.71
N MET A 110 -8.46 -4.58 -19.95
CA MET A 110 -7.93 -3.51 -19.10
C MET A 110 -8.56 -3.47 -17.71
N ILE A 111 -7.76 -3.03 -16.75
CA ILE A 111 -8.24 -2.61 -15.43
C ILE A 111 -7.94 -1.11 -15.33
N VAL A 112 -8.97 -0.33 -15.01
CA VAL A 112 -8.87 1.16 -14.96
C VAL A 112 -9.13 1.62 -13.51
N THR A 113 -8.20 2.42 -12.98
CA THR A 113 -8.33 2.93 -11.63
C THR A 113 -8.18 4.44 -11.63
N GLU A 114 -8.48 5.04 -10.49
CA GLU A 114 -8.16 6.46 -10.33
C GLU A 114 -6.65 6.67 -10.52
N TYR A 115 -6.26 7.88 -10.95
CA TYR A 115 -4.86 8.18 -11.23
C TYR A 115 -4.22 8.75 -9.98
N MET A 116 -3.03 8.27 -9.64
CA MET A 116 -2.35 8.72 -8.44
C MET A 116 -1.04 9.38 -8.90
N GLU A 117 -1.05 10.71 -8.95
CA GLU A 117 -0.04 11.47 -9.70
C GLU A 117 1.40 11.26 -9.19
N ASN A 118 1.53 11.03 -7.89
CA ASN A 118 2.85 10.98 -7.21
C ASN A 118 3.40 9.58 -7.09
N GLY A 119 2.65 8.60 -7.60
CA GLY A 119 3.21 7.23 -7.82
C GLY A 119 3.37 6.44 -6.53
N SER A 120 4.32 5.51 -6.49
CA SER A 120 4.46 4.71 -5.24
C SER A 120 5.10 5.52 -4.13
N LEU A 121 4.68 5.25 -2.90
CA LEU A 121 5.09 6.12 -1.77
C LEU A 121 6.57 5.99 -1.47
N ASP A 122 7.15 4.79 -1.59
CA ASP A 122 8.56 4.67 -1.26
C ASP A 122 9.41 5.48 -2.25
N SER A 123 9.12 5.36 -3.55
CA SER A 123 9.92 6.09 -4.53
C SER A 123 9.69 7.61 -4.40
N PHE A 124 8.45 7.99 -4.08
CA PHE A 124 8.14 9.42 -3.85
C PHE A 124 8.94 9.95 -2.68
N LEU A 125 8.89 9.27 -1.54
CA LEU A 125 9.65 9.79 -0.39
C LEU A 125 11.15 9.84 -0.60
N ARG A 126 11.72 8.89 -1.36
CA ARG A 126 13.16 8.93 -1.62
C ARG A 126 13.57 10.19 -2.38
N LYS A 127 12.64 10.77 -3.12
CA LYS A 127 12.94 12.01 -3.87
C LYS A 127 12.91 13.22 -2.93
N HIS A 128 12.37 13.03 -1.74
CA HIS A 128 12.09 14.18 -0.89
C HIS A 128 12.62 13.99 0.53
N ASP A 129 13.81 13.40 0.63
CA ASP A 129 14.39 13.11 1.94
C ASP A 129 14.39 14.33 2.89
N ALA A 130 13.76 14.18 4.06
CA ALA A 130 13.69 15.19 5.14
C ALA A 130 12.99 16.47 4.73
N GLN A 131 12.15 16.37 3.70
CA GLN A 131 11.50 17.57 3.15
C GLN A 131 10.07 17.78 3.55
N PHE A 132 9.48 16.81 4.24
CA PHE A 132 8.11 16.94 4.76
C PHE A 132 8.10 17.19 6.27
N THR A 133 7.01 17.78 6.79
CA THR A 133 6.91 17.94 8.23
C THR A 133 6.47 16.61 8.83
N VAL A 134 6.70 16.47 10.13
CA VAL A 134 6.19 15.29 10.80
C VAL A 134 4.68 15.17 10.63
N ILE A 135 3.94 16.29 10.77
CA ILE A 135 2.48 16.20 10.61
C ILE A 135 2.05 15.73 9.20
N GLN A 136 2.77 16.15 8.16
CA GLN A 136 2.49 15.66 6.81
C GLN A 136 2.68 14.16 6.72
N LEU A 137 3.78 13.70 7.30
CA LEU A 137 4.05 12.25 7.27
C LEU A 137 3.00 11.49 8.05
N VAL A 138 2.56 12.05 9.19
CA VAL A 138 1.51 11.41 9.98
C VAL A 138 0.20 11.34 9.19
N GLY A 139 -0.10 12.37 8.42
CA GLY A 139 -1.30 12.35 7.56
C GLY A 139 -1.25 11.22 6.55
N MET A 140 -0.09 11.01 5.95
CA MET A 140 0.13 9.88 5.03
C MET A 140 -0.16 8.55 5.72
N LEU A 141 0.43 8.42 6.89
CA LEU A 141 0.34 7.19 7.70
C LEU A 141 -1.08 6.93 8.15
N ARG A 142 -1.80 8.00 8.51
CA ARG A 142 -3.19 7.86 8.89
C ARG A 142 -4.06 7.37 7.74
N GLY A 143 -3.82 7.88 6.54
CA GLY A 143 -4.59 7.43 5.36
C GLY A 143 -4.38 5.95 5.13
N ILE A 144 -3.13 5.50 5.22
CA ILE A 144 -2.81 4.08 5.01
C ILE A 144 -3.53 3.25 6.08
N ALA A 145 -3.41 3.67 7.34
CA ALA A 145 -4.08 2.91 8.41
C ALA A 145 -5.61 2.85 8.22
N SER A 146 -6.23 3.94 7.74
CA SER A 146 -7.68 3.97 7.55
C SER A 146 -8.08 2.99 6.45
N GLY A 147 -7.32 2.99 5.35
CA GLY A 147 -7.59 2.01 4.27
C GLY A 147 -7.48 0.58 4.83
N MET A 148 -6.42 0.34 5.61
CA MET A 148 -6.22 -1.01 6.18
C MET A 148 -7.30 -1.37 7.17
N LYS A 149 -7.81 -0.37 7.91
CA LYS A 149 -8.92 -0.63 8.85
C LYS A 149 -10.11 -1.14 8.03
N TYR A 150 -10.41 -0.53 6.88
CA TYR A 150 -11.54 -1.00 6.07
C TYR A 150 -11.25 -2.40 5.48
N LEU A 151 -10.07 -2.63 4.93
CA LEU A 151 -9.75 -3.96 4.33
C LEU A 151 -9.94 -5.02 5.39
N SER A 152 -9.38 -4.76 6.57
CA SER A 152 -9.47 -5.75 7.66
C SER A 152 -10.93 -5.94 8.11
N ASP A 153 -11.70 -4.84 8.18
CA ASP A 153 -13.12 -4.92 8.53
C ASP A 153 -13.84 -5.80 7.52
N MET A 154 -13.33 -5.85 6.28
CA MET A 154 -13.97 -6.61 5.19
C MET A 154 -13.44 -8.05 5.09
N GLY A 155 -12.55 -8.41 6.01
CA GLY A 155 -12.01 -9.76 6.07
C GLY A 155 -10.87 -10.00 5.07
N TYR A 156 -10.37 -8.94 4.45
CA TYR A 156 -9.29 -9.07 3.49
C TYR A 156 -7.95 -8.93 4.18
N VAL A 157 -7.11 -9.96 4.04
CA VAL A 157 -5.72 -9.88 4.52
C VAL A 157 -4.84 -9.56 3.31
N HIS A 158 -4.11 -8.44 3.38
CA HIS A 158 -3.40 -7.93 2.22
C HIS A 158 -2.20 -8.81 1.84
N ARG A 159 -1.40 -9.15 2.84
CA ARG A 159 -0.22 -10.01 2.76
C ARG A 159 1.03 -9.37 2.18
N ASP A 160 0.89 -8.18 1.56
CA ASP A 160 2.06 -7.51 1.00
C ASP A 160 1.99 -6.01 1.23
N LEU A 161 1.64 -5.65 2.46
CA LEU A 161 1.52 -4.23 2.79
C LEU A 161 2.93 -3.69 2.97
N ALA A 162 3.30 -2.77 2.07
CA ALA A 162 4.66 -2.24 1.94
C ALA A 162 4.52 -0.90 1.29
N ALA A 163 5.46 0.01 1.53
CA ALA A 163 5.37 1.34 0.96
C ALA A 163 5.32 1.32 -0.57
N ARG A 164 5.98 0.33 -1.20
CA ARG A 164 5.92 0.26 -2.66
C ARG A 164 4.51 -0.04 -3.19
N ASN A 165 3.65 -0.63 -2.33
CA ASN A 165 2.27 -0.90 -2.67
C ASN A 165 1.27 0.18 -2.18
N ILE A 166 1.77 1.30 -1.74
CA ILE A 166 0.91 2.44 -1.40
C ILE A 166 1.12 3.49 -2.49
N LEU A 167 0.03 4.05 -3.03
CA LEU A 167 0.12 5.09 -4.06
C LEU A 167 -0.24 6.42 -3.42
N ILE A 168 0.33 7.51 -3.95
CA ILE A 168 0.10 8.82 -3.33
C ILE A 168 -0.28 9.82 -4.39
N ASN A 169 -1.34 10.59 -4.15
CA ASN A 169 -1.82 11.46 -5.20
C ASN A 169 -1.28 12.91 -5.10
N SER A 170 -1.82 13.79 -5.94
CA SER A 170 -1.32 15.14 -6.01
C SER A 170 -1.47 15.90 -4.69
N ASN A 171 -2.42 15.49 -3.84
CA ASN A 171 -2.70 16.18 -2.57
C ASN A 171 -2.11 15.41 -1.39
N LEU A 172 -1.24 14.46 -1.72
CA LEU A 172 -0.51 13.62 -0.73
C LEU A 172 -1.38 12.59 -0.01
N VAL A 173 -2.56 12.35 -0.55
CA VAL A 173 -3.45 11.32 0.01
C VAL A 173 -2.86 9.98 -0.40
N CYS A 174 -2.71 9.11 0.59
CA CYS A 174 -2.14 7.75 0.36
C CYS A 174 -3.23 6.67 0.35
N LYS A 175 -3.07 5.69 -0.55
CA LYS A 175 -4.14 4.71 -0.80
C LYS A 175 -3.51 3.34 -1.01
N VAL A 176 -4.08 2.37 -0.31
CA VAL A 176 -3.57 1.00 -0.35
C VAL A 176 -3.81 0.44 -1.75
N SER A 177 -2.74 -0.10 -2.35
N SER A 177 -2.76 -0.16 -2.31
CA SER A 177 -2.77 -0.75 -3.66
CA SER A 177 -2.81 -0.77 -3.63
C SER A 177 -2.11 -2.12 -3.55
C SER A 177 -2.03 -2.08 -3.55
N ASP A 178 -1.83 -2.75 -4.69
CA ASP A 178 -1.03 -4.00 -4.67
C ASP A 178 -0.57 -4.27 -6.10
N PHE A 179 0.75 -4.19 -6.33
CA PHE A 179 1.35 -4.47 -7.65
C PHE A 179 1.90 -5.87 -7.80
N GLY A 180 1.71 -6.70 -6.78
CA GLY A 180 2.21 -8.08 -6.84
C GLY A 180 3.71 -8.16 -6.58
N LEU A 181 4.24 -9.38 -6.62
CA LEU A 181 5.65 -9.66 -6.34
C LEU A 181 6.33 -10.33 -7.52
N PRO A 201 7.29 -11.76 0.63
CA PRO A 201 8.06 -10.53 0.80
C PRO A 201 8.52 -10.47 2.23
N ILE A 202 9.67 -11.15 2.46
CA ILE A 202 10.14 -11.47 3.79
C ILE A 202 10.22 -10.25 4.67
N ARG A 203 10.77 -9.15 4.14
CA ARG A 203 10.99 -7.94 4.99
C ARG A 203 9.75 -7.33 5.61
N TRP A 204 8.60 -7.57 4.99
CA TRP A 204 7.35 -6.99 5.45
C TRP A 204 6.48 -8.00 6.19
N THR A 205 6.94 -9.23 6.29
CA THR A 205 6.06 -10.33 6.78
C THR A 205 6.29 -10.59 8.25
N SER A 206 5.19 -10.85 8.99
CA SER A 206 5.35 -11.11 10.43
C SER A 206 6.09 -12.43 10.68
N PRO A 207 6.66 -12.59 11.88
CA PRO A 207 7.41 -13.84 12.13
C PRO A 207 6.53 -15.10 12.00
N GLU A 208 5.30 -15.06 12.51
CA GLU A 208 4.41 -16.22 12.43
C GLU A 208 4.02 -16.51 10.98
N ALA A 209 3.84 -15.47 10.15
CA ALA A 209 3.47 -15.71 8.73
C ALA A 209 4.68 -16.31 8.01
N ILE A 210 5.89 -15.88 8.40
CA ILE A 210 7.08 -16.53 7.83
C ILE A 210 7.23 -17.98 8.30
N ALA A 211 7.00 -18.20 9.59
CA ALA A 211 7.32 -19.52 10.20
C ALA A 211 6.39 -20.60 9.70
N TYR A 212 5.11 -20.27 9.60
CA TYR A 212 4.14 -21.30 9.23
C TYR A 212 2.89 -20.74 8.53
N ARG A 213 3.08 -19.65 7.80
CA ARG A 213 2.04 -19.07 6.92
C ARG A 213 0.78 -18.68 7.67
N LYS A 214 0.97 -18.23 8.91
CA LYS A 214 -0.15 -17.77 9.72
C LYS A 214 -0.43 -16.31 9.31
N PHE A 215 -1.28 -16.13 8.28
CA PHE A 215 -1.59 -14.77 7.80
C PHE A 215 -2.94 -14.33 8.37
N THR A 216 -2.94 -13.19 9.06
CA THR A 216 -4.17 -12.65 9.69
C THR A 216 -4.16 -11.14 9.55
N SER A 217 -5.22 -10.44 9.94
CA SER A 217 -5.09 -8.99 9.93
C SER A 217 -3.97 -8.54 10.88
N ALA A 218 -3.67 -9.32 11.91
CA ALA A 218 -2.56 -8.94 12.80
C ALA A 218 -1.18 -9.06 12.15
N SER A 219 -1.05 -9.92 11.14
CA SER A 219 0.20 -9.97 10.40
C SER A 219 0.25 -8.76 9.46
N ASP A 220 -0.92 -8.31 9.00
CA ASP A 220 -0.93 -7.02 8.27
C ASP A 220 -0.53 -5.85 9.16
N VAL A 221 -0.89 -5.93 10.45
CA VAL A 221 -0.50 -4.85 11.39
C VAL A 221 1.03 -4.85 11.53
N TRP A 222 1.64 -6.03 11.56
CA TRP A 222 3.14 -6.08 11.59
C TRP A 222 3.67 -5.33 10.36
N SER A 223 3.12 -5.65 9.20
CA SER A 223 3.53 -5.04 7.91
C SER A 223 3.36 -3.53 7.99
N TYR A 224 2.26 -3.10 8.59
CA TYR A 224 2.01 -1.65 8.75
C TYR A 224 3.10 -1.02 9.58
N GLY A 225 3.57 -1.70 10.63
CA GLY A 225 4.71 -1.16 11.40
C GLY A 225 5.94 -0.99 10.49
N ILE A 226 6.18 -1.94 9.57
CA ILE A 226 7.28 -1.78 8.64
C ILE A 226 7.05 -0.56 7.74
N VAL A 227 5.82 -0.39 7.24
CA VAL A 227 5.54 0.78 6.37
C VAL A 227 5.77 2.07 7.17
N LEU A 228 5.33 2.04 8.42
CA LEU A 228 5.58 3.21 9.30
C LEU A 228 7.08 3.53 9.38
N TRP A 229 7.92 2.51 9.53
CA TRP A 229 9.36 2.72 9.47
C TRP A 229 9.81 3.24 8.10
N GLU A 230 9.29 2.69 7.01
CA GLU A 230 9.68 3.15 5.68
C GLU A 230 9.34 4.62 5.52
N VAL A 231 8.16 5.02 5.96
CA VAL A 231 7.73 6.41 5.79
C VAL A 231 8.63 7.32 6.59
N MET A 232 8.82 7.01 7.87
CA MET A 232 9.66 7.88 8.72
C MET A 232 11.14 7.92 8.26
N SER A 233 11.56 6.91 7.48
CA SER A 233 12.90 6.79 6.94
C SER A 233 12.99 7.29 5.53
N TYR A 234 11.90 7.91 5.05
CA TYR A 234 11.85 8.43 3.71
C TYR A 234 12.22 7.40 2.65
N GLY A 235 11.66 6.20 2.78
CA GLY A 235 11.79 5.21 1.69
C GLY A 235 13.06 4.38 1.72
N GLU A 236 13.76 4.39 2.86
N GLU A 236 13.80 4.40 2.83
CA GLU A 236 14.86 3.45 3.14
CA GLU A 236 14.92 3.47 2.96
C GLU A 236 14.30 2.02 3.01
C GLU A 236 14.33 2.04 2.99
N ARG A 237 15.11 1.07 2.52
CA ARG A 237 14.63 -0.31 2.45
C ARG A 237 14.67 -0.93 3.83
N PRO A 238 13.56 -1.57 4.28
CA PRO A 238 13.57 -2.19 5.58
C PRO A 238 14.67 -3.29 5.64
N TYR A 239 15.49 -3.28 6.71
CA TYR A 239 16.60 -4.22 6.89
C TYR A 239 17.63 -4.11 5.76
N TRP A 240 17.57 -3.01 5.01
CA TRP A 240 18.58 -2.67 4.01
C TRP A 240 18.77 -3.93 3.14
N GLU A 241 20.01 -4.39 2.91
CA GLU A 241 20.25 -5.58 2.06
C GLU A 241 20.68 -6.83 2.84
N MET A 242 20.31 -6.90 4.12
CA MET A 242 20.58 -8.09 4.93
C MET A 242 20.11 -9.38 4.21
N SER A 243 20.86 -10.45 4.37
CA SER A 243 20.43 -11.76 3.88
C SER A 243 19.02 -12.01 4.38
N ASN A 244 18.17 -12.63 3.57
CA ASN A 244 16.82 -12.94 4.05
C ASN A 244 16.89 -13.82 5.29
N GLN A 245 17.84 -14.73 5.30
CA GLN A 245 17.90 -15.68 6.42
C GLN A 245 18.23 -14.93 7.73
N ASP A 246 19.02 -13.86 7.62
CA ASP A 246 19.34 -13.03 8.77
C ASP A 246 18.18 -12.12 9.18
N VAL A 247 17.42 -11.64 8.22
CA VAL A 247 16.22 -10.89 8.57
C VAL A 247 15.30 -11.79 9.38
N ILE A 248 15.16 -13.03 8.93
CA ILE A 248 14.25 -13.97 9.63
C ILE A 248 14.77 -14.30 11.03
N LYS A 249 16.06 -14.64 11.14
CA LYS A 249 16.61 -15.04 12.42
C LYS A 249 16.65 -13.87 13.41
N ALA A 250 17.06 -12.70 12.93
CA ALA A 250 17.23 -11.53 13.80
C ALA A 250 15.89 -11.13 14.40
N VAL A 251 14.86 -11.09 13.56
CA VAL A 251 13.54 -10.65 14.02
C VAL A 251 13.01 -11.69 15.04
N ASP A 252 13.23 -12.96 14.72
CA ASP A 252 12.80 -14.02 15.65
C ASP A 252 13.53 -13.90 17.01
N GLU A 253 14.79 -13.45 17.00
CA GLU A 253 15.57 -13.33 18.23
C GLU A 253 15.17 -12.10 19.06
N GLY A 254 14.29 -11.28 18.50
CA GLY A 254 13.80 -10.07 19.17
C GLY A 254 14.35 -8.74 18.69
N TYR A 255 15.25 -8.78 17.71
CA TYR A 255 15.81 -7.58 17.13
C TYR A 255 14.79 -6.85 16.26
N ARG A 256 14.87 -5.52 16.24
CA ARG A 256 13.91 -4.74 15.45
C ARG A 256 14.66 -3.61 14.79
N LEU A 257 14.07 -3.06 13.72
CA LEU A 257 14.63 -1.91 13.04
C LEU A 257 14.79 -0.77 14.06
N PRO A 258 15.85 0.01 13.94
CA PRO A 258 16.18 1.10 14.86
C PRO A 258 15.34 2.33 14.54
N PRO A 259 15.24 3.29 15.46
CA PRO A 259 14.44 4.46 15.14
C PRO A 259 15.02 5.21 13.97
N PRO A 260 14.15 5.62 13.04
CA PRO A 260 14.63 6.53 11.97
C PRO A 260 15.15 7.83 12.52
N MET A 261 16.05 8.51 11.78
CA MET A 261 16.55 9.77 12.26
C MET A 261 15.41 10.74 12.58
N ASP A 262 15.51 11.36 13.75
CA ASP A 262 14.57 12.40 14.19
C ASP A 262 13.16 11.84 14.37
N CYS A 263 13.07 10.54 14.60
CA CYS A 263 11.74 9.92 14.70
C CYS A 263 11.13 10.24 16.06
N PRO A 264 9.93 10.85 16.09
CA PRO A 264 9.22 11.03 17.39
C PRO A 264 9.08 9.70 18.16
N ALA A 265 9.31 9.73 19.47
CA ALA A 265 9.12 8.59 20.37
C ALA A 265 7.76 7.93 20.17
N ALA A 266 6.70 8.72 19.99
CA ALA A 266 5.36 8.15 19.85
C ALA A 266 5.32 7.24 18.66
N LEU A 267 5.99 7.65 17.57
CA LEU A 267 5.89 6.86 16.34
C LEU A 267 6.79 5.64 16.39
N TYR A 268 7.95 5.76 17.02
CA TYR A 268 8.79 4.58 17.18
C TYR A 268 8.11 3.58 18.12
N GLN A 269 7.47 4.06 19.18
CA GLN A 269 6.76 3.13 20.04
C GLN A 269 5.66 2.45 19.26
N LEU A 270 4.98 3.20 18.39
CA LEU A 270 3.90 2.60 17.56
C LEU A 270 4.48 1.46 16.68
N MET A 271 5.65 1.68 16.09
CA MET A 271 6.34 0.59 15.33
C MET A 271 6.56 -0.63 16.23
N LEU A 272 7.13 -0.41 17.42
CA LEU A 272 7.41 -1.53 18.35
C LEU A 272 6.13 -2.27 18.72
N ASP A 273 5.04 -1.53 18.91
CA ASP A 273 3.74 -2.12 19.24
C ASP A 273 3.26 -2.97 18.05
N CYS A 274 3.44 -2.49 16.82
CA CYS A 274 3.04 -3.27 15.64
C CYS A 274 3.89 -4.53 15.51
N TRP A 275 5.11 -4.46 16.07
CA TRP A 275 6.09 -5.55 15.92
C TRP A 275 6.13 -6.44 17.17
N GLN A 276 5.05 -6.48 17.91
CA GLN A 276 5.03 -7.38 19.09
C GLN A 276 5.14 -8.83 18.61
N LYS A 277 5.98 -9.63 19.30
CA LYS A 277 6.14 -11.01 18.93
C LYS A 277 4.78 -11.77 18.96
N ASP A 278 3.99 -11.52 20.00
CA ASP A 278 2.67 -12.11 20.17
C ASP A 278 1.68 -11.30 19.37
N ARG A 279 1.13 -11.92 18.31
CA ARG A 279 0.19 -11.18 17.45
C ARG A 279 -1.01 -10.62 18.19
N ASN A 280 -1.43 -11.29 19.26
CA ASN A 280 -2.55 -10.81 20.08
C ASN A 280 -2.29 -9.50 20.80
N ASN A 281 -1.02 -9.13 20.98
CA ASN A 281 -0.67 -7.88 21.65
C ASN A 281 -0.49 -6.69 20.71
N ARG A 282 -0.62 -6.93 19.41
CA ARG A 282 -0.47 -5.85 18.45
C ARG A 282 -1.78 -5.07 18.44
N PRO A 283 -1.72 -3.76 18.17
CA PRO A 283 -2.96 -2.97 18.12
C PRO A 283 -3.78 -3.39 16.91
N LYS A 284 -5.09 -3.14 16.96
CA LYS A 284 -5.92 -3.30 15.75
C LYS A 284 -5.80 -2.05 14.90
N PHE A 285 -6.18 -2.17 13.63
CA PHE A 285 -6.12 -0.98 12.76
C PHE A 285 -6.95 0.18 13.30
N GLU A 286 -8.10 -0.10 13.91
CA GLU A 286 -8.90 1.01 14.45
C GLU A 286 -8.09 1.79 15.51
N GLN A 287 -7.33 1.06 16.31
CA GLN A 287 -6.57 1.68 17.39
C GLN A 287 -5.41 2.47 16.80
N ILE A 288 -4.81 1.95 15.73
CA ILE A 288 -3.70 2.68 15.02
C ILE A 288 -4.26 4.00 14.49
N VAL A 289 -5.42 3.96 13.87
CA VAL A 289 -6.04 5.18 13.35
C VAL A 289 -6.26 6.18 14.49
N SER A 290 -6.77 5.68 15.63
CA SER A 290 -7.04 6.55 16.77
C SER A 290 -5.76 7.19 17.30
N ILE A 291 -4.69 6.42 17.35
CA ILE A 291 -3.38 6.91 17.81
C ILE A 291 -2.89 8.03 16.92
N LEU A 292 -3.00 7.81 15.61
CA LEU A 292 -2.52 8.82 14.65
C LEU A 292 -3.38 10.07 14.66
N ASP A 293 -4.68 9.88 14.82
CA ASP A 293 -5.58 11.03 14.91
C ASP A 293 -5.24 11.90 16.12
N LYS A 294 -4.85 11.27 17.23
CA LYS A 294 -4.39 12.07 18.38
C LYS A 294 -3.09 12.82 18.07
N LEU A 295 -2.17 12.20 17.36
CA LEU A 295 -0.89 12.85 17.04
C LEU A 295 -1.13 13.97 16.04
N ILE A 296 -2.12 13.79 15.18
CA ILE A 296 -2.46 14.85 14.20
C ILE A 296 -2.88 16.15 14.86
N ARG A 297 -3.48 16.07 16.04
CA ARG A 297 -3.69 17.28 16.84
C ARG A 297 -2.37 18.00 17.29
N ASN A 298 -1.19 17.42 16.93
CA ASN A 298 0.17 17.96 17.24
C ASN A 298 0.47 18.15 18.71
N PRO A 299 0.36 17.06 19.51
CA PRO A 299 0.66 17.27 20.97
C PRO A 299 2.14 17.60 21.23
N LEU A 302 4.79 14.96 20.65
CA LEU A 302 5.37 14.64 19.33
C LEU A 302 6.76 15.25 19.17
N LYS A 303 7.09 16.21 20.03
CA LYS A 303 8.41 16.82 19.99
C LYS A 303 9.43 16.00 20.80
N ILE A 304 8.96 14.97 21.51
CA ILE A 304 9.86 14.08 22.22
C ILE A 304 10.39 13.15 21.13
N ILE A 305 11.71 13.20 20.91
CA ILE A 305 12.36 12.35 19.90
C ILE A 305 13.01 11.16 20.61
N THR A 306 13.07 9.99 19.95
CA THR A 306 13.68 8.81 20.57
C THR A 306 15.11 9.02 21.02
N ASN A 314 23.24 -2.74 14.56
CA ASN A 314 22.38 -2.03 13.61
C ASN A 314 20.91 -2.17 13.96
N LEU A 315 20.46 -3.42 14.10
CA LEU A 315 19.14 -3.67 14.66
C LEU A 315 19.27 -3.58 16.16
N LEU A 316 18.14 -3.28 16.81
CA LEU A 316 18.14 -3.10 18.28
C LEU A 316 17.39 -4.26 18.95
N LEU A 317 17.97 -4.82 20.00
CA LEU A 317 17.33 -5.91 20.70
C LEU A 317 16.22 -5.34 21.54
N ASP A 318 15.00 -5.47 21.01
CA ASP A 318 13.80 -4.82 21.53
C ASP A 318 12.72 -5.86 21.85
#